data_8HGJ
#
_entry.id   8HGJ
#
_cell.length_a   1.00
_cell.length_b   1.00
_cell.length_c   1.00
_cell.angle_alpha   90.00
_cell.angle_beta   90.00
_cell.angle_gamma   90.00
#
_symmetry.space_group_name_H-M   'P 1'
#
loop_
_entity.id
_entity.type
_entity.pdbx_description
1 polymer Galectin
2 polymer 'Hepatitis A virus cellular receptor 2'
#
loop_
_entity_poly.entity_id
_entity_poly.type
_entity_poly.pdbx_seq_one_letter_code
_entity_poly.pdbx_strand_id
1 'polypeptide(L)'
;MATETNYPVPYRSKLTEPFEPGQTLIIKGKTAEDSVRFTINLHNTSADFSGNDVPLHISVRFDEGKIVFNTFSKGEWGKE
ERKSNPYKKGDDIDIRIRAHDSKFSISVDQKEVKEYEHRVPLSSVTHFSVDGDILITYIHWGGKYYPVPYESGLAGDGLA
PGKSLLIFATPEKKGKRFHINLLKKNGDIALHFNPRFDEKAIVRNSLISGEWGNEEREGKNPLEKGIGCDLEFRNEEYAF
QIYVDGERFATYAHRLDPHDINGLQIGGDVEVTGIQMV
;
A
2 'polypeptide(L)'
;VEYRAEVGQNAYLPCFYTPAAPGNLVPVCWGKGACPVFECGNVVLRTDERDVNYWTSRYWLNGDFRKGDVSLTIENVTLA
DSGIYCCRIQIPGIMNDEKFNLKLVIK
;
B
#
# COMPACT_ATOMS: atom_id res chain seq x y z
N MET A 1 13.91 -14.77 -25.46
CA MET A 1 15.35 -14.82 -25.31
C MET A 1 15.98 -13.48 -25.66
N ALA A 2 15.17 -12.43 -25.56
CA ALA A 2 15.61 -11.07 -25.85
C ALA A 2 16.34 -10.44 -24.67
N THR A 3 16.43 -9.11 -24.66
CA THR A 3 17.22 -8.39 -23.67
C THR A 3 16.55 -8.47 -22.30
N GLU A 4 17.07 -9.35 -21.44
CA GLU A 4 16.55 -9.52 -20.09
C GLU A 4 17.35 -8.68 -19.08
N THR A 5 18.66 -8.98 -18.97
CA THR A 5 19.69 -8.41 -18.10
C THR A 5 19.30 -8.17 -16.64
N ASN A 6 18.29 -8.89 -16.13
CA ASN A 6 17.93 -8.70 -14.74
C ASN A 6 17.90 -10.02 -14.00
N TYR A 7 17.24 -11.02 -14.61
CA TYR A 7 16.93 -12.28 -13.96
C TYR A 7 17.05 -13.41 -14.98
N PRO A 8 17.61 -14.55 -14.57
CA PRO A 8 17.34 -15.78 -15.32
C PRO A 8 15.85 -16.10 -15.23
N VAL A 9 15.19 -16.08 -16.39
CA VAL A 9 13.73 -16.19 -16.44
C VAL A 9 13.34 -17.64 -16.16
N PRO A 10 12.16 -17.92 -15.59
CA PRO A 10 11.10 -17.07 -15.01
C PRO A 10 11.45 -16.49 -13.64
N TYR A 11 10.93 -15.30 -13.32
CA TYR A 11 11.28 -14.60 -12.08
C TYR A 11 10.05 -14.35 -11.21
N ARG A 12 10.25 -14.42 -9.89
CA ARG A 12 9.27 -14.02 -8.88
C ARG A 12 9.97 -13.11 -7.88
N SER A 13 9.23 -12.16 -7.31
CA SER A 13 9.78 -11.34 -6.24
C SER A 13 8.82 -11.32 -5.07
N LYS A 14 9.34 -11.55 -3.87
CA LYS A 14 8.56 -11.53 -2.64
C LYS A 14 8.18 -10.10 -2.27
N LEU A 15 7.32 -9.96 -1.26
CA LEU A 15 6.76 -8.68 -0.89
C LEU A 15 7.84 -7.75 -0.32
N THR A 16 7.82 -6.49 -0.78
CA THR A 16 8.75 -5.52 -0.23
C THR A 16 8.27 -4.97 1.11
N GLU A 17 6.96 -4.77 1.23
CA GLU A 17 6.36 -4.25 2.46
C GLU A 17 5.14 -5.08 2.82
N PRO A 18 4.73 -5.08 4.10
CA PRO A 18 3.37 -5.51 4.42
C PRO A 18 2.37 -4.58 3.77
N PHE A 19 1.21 -5.15 3.41
CA PHE A 19 0.29 -4.44 2.52
C PHE A 19 -0.38 -3.26 3.19
N GLU A 20 0.01 -2.07 2.78
CA GLU A 20 -0.82 -0.90 2.90
C GLU A 20 -1.16 -0.44 1.48
N PRO A 21 -2.41 -0.10 1.21
CA PRO A 21 -2.83 0.22 -0.17
C PRO A 21 -2.20 1.51 -0.64
N GLY A 22 -1.99 1.61 -1.94
CA GLY A 22 -1.05 2.53 -2.51
C GLY A 22 0.17 1.85 -3.12
N GLN A 23 -0.04 0.69 -3.74
CA GLN A 23 1.02 -0.10 -4.35
C GLN A 23 0.82 -0.21 -5.85
N THR A 24 1.68 -0.99 -6.48
CA THR A 24 1.49 -1.42 -7.85
C THR A 24 1.82 -2.90 -7.96
N LEU A 25 0.97 -3.63 -8.68
CA LEU A 25 1.16 -5.06 -8.91
C LEU A 25 1.60 -5.22 -10.36
N ILE A 26 2.83 -5.71 -10.54
CA ILE A 26 3.66 -5.42 -11.70
C ILE A 26 4.09 -6.70 -12.37
N ILE A 27 3.59 -6.94 -13.58
CA ILE A 27 4.29 -7.75 -14.57
C ILE A 27 4.46 -6.87 -15.80
N LYS A 28 5.58 -6.16 -15.87
CA LYS A 28 5.91 -5.39 -17.06
C LYS A 28 7.25 -5.85 -17.60
N GLY A 29 7.25 -6.20 -18.89
CA GLY A 29 8.45 -6.70 -19.54
C GLY A 29 8.06 -7.19 -20.91
N LYS A 30 8.59 -8.36 -21.25
CA LYS A 30 8.16 -9.11 -22.42
C LYS A 30 7.42 -10.35 -21.95
N THR A 31 6.98 -11.17 -22.89
CA THR A 31 6.42 -12.46 -22.58
C THR A 31 7.23 -13.58 -23.22
N ALA A 32 7.13 -14.76 -22.64
CA ALA A 32 7.59 -15.99 -23.25
C ALA A 32 6.54 -16.50 -24.20
N GLU A 33 6.75 -17.72 -24.69
CA GLU A 33 5.80 -18.29 -25.64
C GLU A 33 4.82 -19.25 -24.98
N ASP A 34 4.93 -19.45 -23.66
CA ASP A 34 4.07 -20.36 -22.94
C ASP A 34 3.24 -19.66 -21.87
N SER A 35 2.95 -18.37 -22.05
CA SER A 35 2.06 -17.69 -21.13
C SER A 35 0.62 -18.15 -21.37
N VAL A 36 0.17 -19.08 -20.55
CA VAL A 36 -1.19 -19.60 -20.62
C VAL A 36 -2.01 -19.16 -19.41
N ARG A 37 -1.38 -19.13 -18.23
CA ARG A 37 -1.95 -18.57 -17.01
C ARG A 37 -0.86 -18.40 -15.96
N PHE A 38 -1.12 -17.50 -15.02
CA PHE A 38 -0.23 -17.27 -13.89
C PHE A 38 -0.97 -17.67 -12.63
N THR A 39 -0.33 -17.46 -11.48
CA THR A 39 -1.03 -17.40 -10.21
C THR A 39 -0.49 -16.24 -9.37
N ILE A 40 -0.97 -15.03 -9.63
CA ILE A 40 -0.71 -13.92 -8.75
C ILE A 40 -1.79 -13.98 -7.67
N ASN A 41 -1.39 -14.32 -6.46
CA ASN A 41 -2.31 -14.60 -5.38
C ASN A 41 -2.10 -13.56 -4.29
N LEU A 42 -3.13 -12.76 -4.02
CA LEU A 42 -3.09 -11.80 -2.92
C LEU A 42 -4.19 -12.17 -1.93
N HIS A 43 -3.82 -12.80 -0.83
CA HIS A 43 -4.78 -13.52 -0.01
C HIS A 43 -4.97 -12.78 1.32
N ASN A 44 -6.07 -13.12 1.98
CA ASN A 44 -6.65 -12.23 2.97
C ASN A 44 -6.40 -12.69 4.40
N THR A 45 -6.38 -11.72 5.31
CA THR A 45 -6.61 -11.92 6.74
C THR A 45 -7.69 -10.92 7.17
N SER A 46 -8.00 -10.86 8.45
CA SER A 46 -8.75 -9.70 8.95
C SER A 46 -7.90 -9.01 10.00
N ALA A 47 -7.51 -9.77 11.02
CA ALA A 47 -6.43 -9.38 11.90
C ALA A 47 -5.23 -10.28 11.64
N ASP A 48 -5.41 -11.56 11.95
CA ASP A 48 -4.52 -12.66 11.61
C ASP A 48 -5.42 -13.79 11.14
N PHE A 49 -6.57 -13.43 10.57
CA PHE A 49 -7.68 -14.37 10.38
C PHE A 49 -7.34 -15.44 9.35
N SER A 50 -6.67 -15.04 8.27
CA SER A 50 -6.00 -15.93 7.31
C SER A 50 -6.96 -16.93 6.65
N GLY A 51 -7.86 -16.44 5.79
CA GLY A 51 -8.88 -17.32 5.27
C GLY A 51 -10.23 -16.69 4.99
N ASN A 52 -10.35 -15.39 5.20
CA ASN A 52 -11.60 -14.70 4.87
C ASN A 52 -11.73 -14.45 3.37
N ASP A 53 -12.69 -13.61 2.97
CA ASP A 53 -12.85 -13.28 1.57
C ASP A 53 -11.64 -12.51 1.06
N VAL A 54 -11.16 -12.90 -0.10
CA VAL A 54 -9.81 -12.58 -0.56
C VAL A 54 -9.86 -11.42 -1.55
N PRO A 55 -8.93 -10.47 -1.46
CA PRO A 55 -8.95 -9.33 -2.39
C PRO A 55 -8.66 -9.71 -3.83
N LEU A 56 -7.58 -10.43 -4.11
CA LEU A 56 -7.12 -10.61 -5.49
C LEU A 56 -6.65 -12.03 -5.76
N HIS A 57 -7.01 -12.54 -6.94
CA HIS A 57 -6.18 -13.48 -7.67
C HIS A 57 -6.09 -13.03 -9.13
N ILE A 58 -4.88 -12.94 -9.66
CA ILE A 58 -4.60 -12.40 -10.98
C ILE A 58 -3.87 -13.44 -11.83
N SER A 59 -4.31 -13.60 -13.08
CA SER A 59 -3.57 -14.34 -14.09
C SER A 59 -4.00 -13.80 -15.45
N VAL A 60 -3.09 -13.86 -16.43
CA VAL A 60 -3.40 -13.43 -17.79
C VAL A 60 -3.36 -14.68 -18.66
N ARG A 61 -4.08 -14.65 -19.77
CA ARG A 61 -4.16 -15.76 -20.71
C ARG A 61 -3.89 -15.18 -22.10
N PHE A 62 -2.70 -15.42 -22.63
CA PHE A 62 -2.13 -14.46 -23.58
C PHE A 62 -2.78 -14.46 -24.97
N ASP A 63 -4.10 -14.20 -25.09
CA ASP A 63 -4.68 -14.08 -26.43
C ASP A 63 -5.50 -12.78 -26.66
N GLU A 64 -6.51 -12.48 -25.83
CA GLU A 64 -7.62 -11.66 -26.37
C GLU A 64 -8.23 -10.54 -25.48
N GLY A 65 -7.64 -10.12 -24.37
CA GLY A 65 -8.05 -8.81 -23.86
C GLY A 65 -8.44 -8.59 -22.40
N LYS A 66 -8.03 -9.45 -21.47
CA LYS A 66 -8.29 -9.18 -20.07
C LYS A 66 -7.16 -9.69 -19.19
N ILE A 67 -7.21 -9.31 -17.91
CA ILE A 67 -6.58 -10.06 -16.83
C ILE A 67 -7.71 -10.52 -15.93
N VAL A 68 -7.59 -11.74 -15.39
CA VAL A 68 -8.69 -12.40 -14.70
C VAL A 68 -8.86 -11.75 -13.34
N PHE A 69 -10.06 -11.88 -12.78
CA PHE A 69 -10.38 -11.46 -11.44
C PHE A 69 -10.87 -12.68 -10.67
N ASN A 70 -10.29 -12.93 -9.51
CA ASN A 70 -10.54 -14.19 -8.82
C ASN A 70 -10.17 -14.03 -7.35
N THR A 71 -10.74 -14.92 -6.52
CA THR A 71 -10.65 -14.85 -5.07
C THR A 71 -10.36 -16.24 -4.51
N PHE A 72 -10.04 -16.30 -3.22
CA PHE A 72 -10.28 -17.47 -2.39
C PHE A 72 -11.43 -17.13 -1.44
N SER A 73 -12.07 -18.16 -0.90
CA SER A 73 -13.08 -17.97 0.13
C SER A 73 -13.09 -19.19 1.04
N LYS A 74 -12.36 -19.09 2.15
CA LYS A 74 -12.22 -20.15 3.16
C LYS A 74 -11.67 -21.45 2.56
N GLY A 75 -10.62 -21.33 1.75
CA GLY A 75 -9.85 -22.47 1.33
C GLY A 75 -10.21 -23.08 -0.01
N GLU A 76 -10.89 -22.36 -0.89
CA GLU A 76 -11.26 -22.88 -2.20
C GLU A 76 -11.05 -21.83 -3.27
N TRP A 77 -10.77 -22.29 -4.48
CA TRP A 77 -10.61 -21.43 -5.65
C TRP A 77 -11.95 -20.82 -6.04
N GLY A 78 -12.00 -19.49 -6.01
CA GLY A 78 -13.22 -18.76 -6.27
C GLY A 78 -13.55 -18.66 -7.75
N LYS A 79 -14.03 -17.48 -8.13
CA LYS A 79 -14.54 -17.25 -9.47
C LYS A 79 -13.41 -17.03 -10.47
N GLU A 80 -13.05 -18.08 -11.19
CA GLU A 80 -12.03 -17.95 -12.23
C GLU A 80 -12.67 -17.99 -13.62
N GLU A 81 -12.68 -16.83 -14.28
CA GLU A 81 -13.41 -16.64 -15.53
C GLU A 81 -12.52 -16.97 -16.72
N ARG A 82 -13.11 -17.57 -17.75
CA ARG A 82 -12.40 -18.00 -18.95
C ARG A 82 -12.50 -16.95 -20.05
N LYS A 83 -11.49 -16.10 -20.12
CA LYS A 83 -11.26 -15.19 -21.24
C LYS A 83 -9.75 -14.95 -21.27
N SER A 84 -9.28 -13.97 -22.04
CA SER A 84 -7.88 -14.00 -22.42
C SER A 84 -7.26 -12.60 -22.48
N ASN A 85 -5.93 -12.52 -22.76
CA ASN A 85 -5.10 -11.31 -22.58
C ASN A 85 -4.50 -10.84 -23.90
N PRO A 86 -4.68 -9.56 -24.31
CA PRO A 86 -4.73 -9.23 -25.75
C PRO A 86 -3.44 -9.39 -26.55
N TYR A 87 -2.27 -9.16 -25.95
CA TYR A 87 -1.03 -9.01 -26.71
C TYR A 87 -0.63 -10.32 -27.37
N LYS A 88 0.00 -10.21 -28.53
CA LYS A 88 0.41 -11.32 -29.37
C LYS A 88 1.75 -11.87 -28.88
N LYS A 89 2.03 -13.12 -29.24
CA LYS A 89 3.22 -13.78 -28.72
C LYS A 89 4.50 -13.18 -29.30
N GLY A 90 5.29 -12.59 -28.40
CA GLY A 90 6.49 -11.85 -28.76
C GLY A 90 6.63 -10.51 -28.07
N ASP A 91 5.55 -9.74 -27.93
CA ASP A 91 5.64 -8.43 -27.29
C ASP A 91 5.21 -8.49 -25.82
N ASP A 92 4.92 -7.30 -25.30
CA ASP A 92 4.96 -6.99 -23.88
C ASP A 92 3.74 -7.50 -23.13
N ILE A 93 3.87 -7.52 -21.81
CA ILE A 93 2.77 -7.66 -20.85
C ILE A 93 2.86 -6.44 -19.93
N ASP A 94 1.71 -5.95 -19.47
CA ASP A 94 1.73 -4.78 -18.60
C ASP A 94 0.59 -4.89 -17.59
N ILE A 95 0.90 -5.35 -16.38
CA ILE A 95 -0.02 -5.30 -15.26
C ILE A 95 0.34 -4.07 -14.43
N ARG A 96 -0.58 -3.12 -14.35
CA ARG A 96 -0.29 -1.78 -13.88
C ARG A 96 -1.32 -1.29 -12.89
N ILE A 97 -1.18 -1.65 -11.61
CA ILE A 97 -2.26 -1.44 -10.65
C ILE A 97 -2.12 -0.10 -9.93
N ARG A 98 -3.14 0.73 -10.07
CA ARG A 98 -3.45 1.79 -9.13
C ARG A 98 -4.15 1.17 -7.94
N ALA A 99 -3.43 1.05 -6.82
CA ALA A 99 -3.98 0.37 -5.67
C ALA A 99 -4.59 1.36 -4.68
N HIS A 100 -5.88 1.19 -4.43
CA HIS A 100 -6.58 1.84 -3.33
C HIS A 100 -6.98 0.77 -2.33
N ASP A 101 -7.77 1.17 -1.33
CA ASP A 101 -8.51 0.17 -0.57
C ASP A 101 -9.86 -0.11 -1.21
N SER A 102 -10.09 0.36 -2.44
CA SER A 102 -11.34 0.13 -3.15
C SER A 102 -11.18 -0.16 -4.63
N LYS A 103 -9.96 -0.13 -5.18
CA LYS A 103 -9.75 -0.38 -6.60
C LYS A 103 -8.30 -0.79 -6.84
N PHE A 104 -8.12 -1.83 -7.64
CA PHE A 104 -6.83 -2.22 -8.20
C PHE A 104 -6.95 -2.22 -9.72
N SER A 105 -6.14 -1.40 -10.40
CA SER A 105 -6.37 -1.05 -11.80
C SER A 105 -5.72 -2.06 -12.73
N ILE A 106 -6.53 -2.88 -13.38
CA ILE A 106 -6.05 -3.91 -14.30
C ILE A 106 -5.81 -3.30 -15.67
N SER A 107 -4.64 -3.58 -16.24
CA SER A 107 -4.22 -2.99 -17.51
C SER A 107 -4.03 -4.05 -18.59
N VAL A 108 -4.62 -3.79 -19.76
CA VAL A 108 -4.45 -4.61 -20.96
C VAL A 108 -4.32 -3.68 -22.15
N ASP A 109 -3.59 -4.12 -23.17
CA ASP A 109 -3.21 -3.32 -24.35
C ASP A 109 -2.49 -2.04 -23.94
N GLN A 110 -1.55 -2.18 -23.00
CA GLN A 110 -0.66 -1.14 -22.47
C GLN A 110 -1.38 0.03 -21.81
N LYS A 111 -2.65 -0.13 -21.45
CA LYS A 111 -3.47 0.98 -20.97
C LYS A 111 -4.52 0.45 -20.00
N GLU A 112 -4.57 1.00 -18.79
CA GLU A 112 -5.47 0.43 -17.79
C GLU A 112 -6.91 0.83 -18.11
N VAL A 113 -7.80 -0.17 -18.05
CA VAL A 113 -9.21 0.05 -18.30
C VAL A 113 -10.09 -0.40 -17.13
N LYS A 114 -9.80 -1.52 -16.48
CA LYS A 114 -10.68 -2.08 -15.47
C LYS A 114 -10.06 -1.95 -14.10
N GLU A 115 -10.92 -1.75 -13.10
CA GLU A 115 -10.51 -1.59 -11.70
C GLU A 115 -11.04 -2.80 -10.96
N TYR A 116 -10.25 -3.33 -10.02
CA TYR A 116 -10.62 -4.53 -9.29
C TYR A 116 -10.63 -4.23 -7.79
N GLU A 117 -11.77 -4.48 -7.15
CA GLU A 117 -12.10 -3.80 -5.91
C GLU A 117 -11.65 -4.61 -4.70
N HIS A 118 -11.22 -3.89 -3.66
CA HIS A 118 -10.99 -4.50 -2.35
C HIS A 118 -12.28 -4.56 -1.55
N ARG A 119 -12.36 -5.55 -0.65
CA ARG A 119 -13.51 -5.75 0.22
C ARG A 119 -13.15 -5.83 1.69
N VAL A 120 -11.85 -5.72 2.00
CA VAL A 120 -11.26 -6.32 3.19
C VAL A 120 -10.76 -5.24 4.15
N PRO A 121 -10.36 -5.59 5.39
CA PRO A 121 -9.61 -4.65 6.22
C PRO A 121 -8.27 -4.22 5.63
N LEU A 122 -7.65 -3.24 6.29
CA LEU A 122 -6.57 -2.44 5.68
C LEU A 122 -5.30 -3.25 5.42
N SER A 123 -4.72 -3.84 6.46
CA SER A 123 -3.37 -4.42 6.35
C SER A 123 -3.37 -5.89 5.94
N SER A 124 -4.41 -6.36 5.25
CA SER A 124 -4.70 -7.79 5.24
C SER A 124 -4.32 -8.51 3.94
N VAL A 125 -3.24 -8.14 3.27
CA VAL A 125 -2.76 -8.92 2.13
C VAL A 125 -1.33 -9.38 2.40
N THR A 126 -1.09 -10.69 2.26
CA THR A 126 0.17 -11.29 2.69
C THR A 126 0.86 -12.17 1.65
N HIS A 127 0.28 -12.38 0.47
CA HIS A 127 0.81 -13.37 -0.45
C HIS A 127 1.21 -12.74 -1.78
N PHE A 128 2.01 -13.48 -2.56
CA PHE A 128 2.27 -13.26 -3.97
C PHE A 128 2.93 -14.49 -4.57
N SER A 129 2.61 -14.78 -5.84
CA SER A 129 3.30 -15.78 -6.64
C SER A 129 3.14 -15.45 -8.12
N VAL A 130 3.79 -16.27 -8.96
CA VAL A 130 3.57 -16.29 -10.41
C VAL A 130 3.53 -17.77 -10.81
N ASP A 131 2.74 -18.12 -11.82
CA ASP A 131 2.78 -19.48 -12.36
C ASP A 131 3.11 -19.45 -13.85
N GLY A 132 3.87 -20.45 -14.28
CA GLY A 132 4.06 -20.75 -15.68
C GLY A 132 5.42 -20.34 -16.20
N ASP A 133 5.52 -20.32 -17.54
CA ASP A 133 6.72 -19.85 -18.22
C ASP A 133 6.50 -18.40 -18.65
N ILE A 134 7.43 -17.54 -18.23
CA ILE A 134 7.29 -16.11 -18.37
C ILE A 134 8.68 -15.50 -18.55
N LEU A 135 8.72 -14.33 -19.18
CA LEU A 135 9.97 -13.69 -19.60
C LEU A 135 10.07 -12.33 -18.92
N ILE A 136 10.68 -12.30 -17.73
CA ILE A 136 10.53 -11.17 -16.84
C ILE A 136 11.71 -10.21 -16.94
N THR A 137 11.40 -8.92 -17.12
CA THR A 137 12.36 -7.87 -16.86
C THR A 137 12.24 -7.25 -15.48
N TYR A 138 11.07 -7.32 -14.83
CA TYR A 138 10.88 -6.79 -13.48
C TYR A 138 9.57 -7.31 -12.89
N ILE A 139 9.59 -7.65 -11.60
CA ILE A 139 8.38 -7.86 -10.80
C ILE A 139 8.58 -7.12 -9.48
N HIS A 140 7.58 -6.32 -9.09
CA HIS A 140 7.64 -5.61 -7.82
C HIS A 140 6.25 -5.61 -7.20
N TRP A 141 6.20 -5.62 -5.88
CA TRP A 141 4.96 -5.56 -5.12
C TRP A 141 5.20 -4.77 -3.84
N GLY A 142 4.77 -3.51 -3.82
CA GLY A 142 5.00 -2.75 -2.61
C GLY A 142 4.65 -1.29 -2.78
N GLY A 143 4.81 -0.55 -1.68
CA GLY A 143 4.31 0.80 -1.57
C GLY A 143 3.24 0.88 -0.49
N LYS A 144 2.71 2.10 -0.33
CA LYS A 144 1.71 2.36 0.69
C LYS A 144 0.93 3.63 0.37
N TYR A 145 0.02 4.02 1.28
CA TYR A 145 -0.60 5.34 1.19
C TYR A 145 0.44 6.39 1.54
N TYR A 146 0.64 7.34 0.63
CA TYR A 146 1.44 8.51 0.93
C TYR A 146 0.50 9.71 0.99
N PRO A 147 0.42 10.42 2.11
CA PRO A 147 -0.43 11.62 2.17
C PRO A 147 0.11 12.70 1.25
N VAL A 148 -0.81 13.56 0.79
CA VAL A 148 -0.49 14.42 -0.34
C VAL A 148 -0.43 15.89 0.08
N PRO A 149 0.65 16.61 -0.23
CA PRO A 149 1.93 16.08 -0.72
C PRO A 149 2.79 15.51 0.41
N TYR A 150 3.92 14.89 0.06
CA TYR A 150 4.81 14.27 1.02
C TYR A 150 6.25 14.62 0.65
N GLU A 151 7.20 14.16 1.45
CA GLU A 151 8.61 14.26 1.10
C GLU A 151 9.29 12.96 1.54
N SER A 152 9.86 12.25 0.58
CA SER A 152 10.50 10.96 0.85
C SER A 152 11.56 10.72 -0.21
N GLY A 153 12.05 9.49 -0.25
CA GLY A 153 13.09 9.15 -1.21
C GLY A 153 12.72 7.98 -2.11
N LEU A 154 13.49 7.84 -3.19
CA LEU A 154 13.49 6.65 -4.02
C LEU A 154 14.75 5.88 -3.72
N ALA A 155 14.60 4.57 -3.48
CA ALA A 155 15.57 3.72 -2.79
C ALA A 155 17.00 3.74 -3.31
N GLY A 156 17.25 3.18 -4.50
CA GLY A 156 18.65 3.04 -4.86
C GLY A 156 19.20 3.68 -6.11
N ASP A 157 18.49 3.68 -7.24
CA ASP A 157 19.14 4.16 -8.45
C ASP A 157 18.26 4.98 -9.40
N GLY A 158 16.95 4.79 -9.40
CA GLY A 158 16.24 5.29 -10.56
C GLY A 158 16.42 4.36 -11.74
N LEU A 159 17.23 4.79 -12.70
CA LEU A 159 17.70 3.90 -13.76
C LEU A 159 18.89 3.09 -13.25
N ALA A 160 18.67 1.78 -13.13
CA ALA A 160 19.62 0.84 -12.55
C ALA A 160 20.72 0.48 -13.54
N PRO A 161 21.98 0.74 -13.20
CA PRO A 161 23.07 0.37 -14.09
C PRO A 161 23.33 -1.14 -14.06
N GLY A 162 23.39 -1.75 -15.24
CA GLY A 162 23.49 -3.19 -15.37
C GLY A 162 22.22 -3.96 -15.19
N LYS A 163 21.21 -3.38 -14.53
CA LYS A 163 19.94 -4.01 -14.25
C LYS A 163 18.83 -3.15 -14.86
N SER A 164 17.58 -3.45 -14.51
CA SER A 164 16.45 -2.61 -14.85
C SER A 164 15.68 -2.34 -13.57
N LEU A 165 15.52 -1.08 -13.21
CA LEU A 165 14.63 -0.71 -12.11
C LEU A 165 13.50 0.12 -12.66
N LEU A 166 12.27 -0.31 -12.39
CA LEU A 166 11.07 0.26 -12.95
C LEU A 166 10.45 1.21 -11.93
N ILE A 167 9.91 2.33 -12.43
CA ILE A 167 9.66 3.51 -11.61
C ILE A 167 8.15 3.72 -11.49
N PHE A 168 7.64 3.66 -10.26
CA PHE A 168 6.21 3.53 -10.01
C PHE A 168 5.61 4.77 -9.34
N ALA A 169 4.93 5.59 -10.14
CA ALA A 169 4.25 6.76 -9.61
C ALA A 169 2.76 6.62 -9.86
N THR A 170 2.02 7.61 -9.38
CA THR A 170 0.57 7.57 -9.42
C THR A 170 0.01 8.64 -10.34
N PRO A 171 -0.42 8.30 -11.54
CA PRO A 171 -1.47 9.09 -12.17
C PRO A 171 -2.81 8.74 -11.55
N GLU A 172 -3.31 9.65 -10.71
CA GLU A 172 -4.51 9.37 -9.94
C GLU A 172 -5.75 9.87 -10.70
N LYS A 173 -6.90 9.27 -10.39
CA LYS A 173 -8.16 9.74 -10.96
C LYS A 173 -8.59 11.08 -10.34
N LYS A 174 -8.22 11.30 -9.08
CA LYS A 174 -8.63 12.50 -8.35
C LYS A 174 -7.44 13.26 -7.78
N GLY A 175 -6.30 13.23 -8.45
CA GLY A 175 -5.15 13.96 -7.97
C GLY A 175 -4.89 15.25 -8.72
N LYS A 176 -3.74 15.85 -8.46
CA LYS A 176 -3.40 17.15 -9.01
C LYS A 176 -2.18 17.16 -9.93
N ARG A 177 -1.03 16.65 -9.49
CA ARG A 177 0.10 16.48 -10.40
C ARG A 177 0.87 15.23 -9.98
N PHE A 178 1.39 14.53 -10.97
CA PHE A 178 1.59 13.09 -10.87
C PHE A 178 3.03 12.73 -11.21
N HIS A 179 3.83 12.41 -10.18
CA HIS A 179 5.23 12.13 -10.43
C HIS A 179 5.85 11.36 -9.28
N ILE A 180 6.90 10.60 -9.61
CA ILE A 180 8.05 10.41 -8.75
C ILE A 180 9.28 10.70 -9.60
N ASN A 181 10.21 11.47 -9.05
CA ASN A 181 11.25 12.14 -9.83
C ASN A 181 12.53 11.33 -9.79
N LEU A 182 13.46 11.62 -10.70
CA LEU A 182 14.77 10.96 -10.75
C LEU A 182 15.86 12.00 -10.61
N LEU A 183 16.16 12.39 -9.38
CA LEU A 183 17.16 13.40 -9.11
C LEU A 183 18.06 12.94 -7.98
N LYS A 184 18.79 13.87 -7.39
CA LYS A 184 19.79 13.54 -6.39
C LYS A 184 19.22 13.72 -4.99
N LYS A 185 20.07 13.61 -3.98
CA LYS A 185 19.58 13.78 -2.61
C LYS A 185 19.57 15.24 -2.19
N ASN A 186 20.28 16.09 -2.94
CA ASN A 186 20.32 17.52 -2.62
C ASN A 186 19.03 18.25 -2.98
N GLY A 187 18.25 17.75 -3.93
CA GLY A 187 16.97 18.34 -4.27
C GLY A 187 16.93 19.11 -5.56
N ASP A 188 18.01 19.12 -6.34
CA ASP A 188 18.00 19.82 -7.63
C ASP A 188 17.17 19.06 -8.64
N ILE A 189 16.98 19.66 -9.82
CA ILE A 189 16.28 19.01 -10.92
C ILE A 189 17.35 18.41 -11.84
N ALA A 190 17.57 17.10 -11.71
CA ALA A 190 18.49 16.42 -12.61
C ALA A 190 17.74 15.70 -13.71
N LEU A 191 16.72 14.94 -13.35
CA LEU A 191 15.83 14.33 -14.34
C LEU A 191 14.46 14.26 -13.71
N HIS A 192 13.69 15.33 -13.87
CA HIS A 192 12.43 15.52 -13.16
C HIS A 192 11.41 14.60 -13.82
N PHE A 193 11.35 13.37 -13.33
CA PHE A 193 10.58 12.30 -13.96
C PHE A 193 9.10 12.51 -13.66
N ASN A 194 8.29 12.57 -14.72
CA ASN A 194 6.91 13.05 -14.62
C ASN A 194 5.96 12.20 -15.44
N PRO A 195 5.39 11.14 -14.87
CA PRO A 195 4.20 10.55 -15.48
C PRO A 195 2.97 11.38 -15.14
N ARG A 196 2.84 12.53 -15.79
CA ARG A 196 1.82 13.51 -15.48
C ARG A 196 0.72 13.38 -16.53
N PHE A 197 -0.33 12.64 -16.18
CA PHE A 197 -1.36 12.38 -17.16
C PHE A 197 -2.54 13.32 -16.99
N ASP A 198 -2.43 14.29 -16.09
CA ASP A 198 -3.12 15.56 -16.27
C ASP A 198 -2.49 16.38 -17.38
N GLU A 199 -1.18 16.19 -17.62
CA GLU A 199 -0.46 16.80 -18.73
C GLU A 199 -0.26 15.81 -19.87
N LYS A 200 -0.54 14.52 -19.63
CA LYS A 200 -0.66 13.46 -20.64
C LYS A 200 0.66 13.19 -21.35
N ALA A 201 1.74 13.10 -20.58
CA ALA A 201 3.07 12.84 -21.14
C ALA A 201 4.00 12.32 -20.07
N ILE A 202 5.13 11.77 -20.52
CA ILE A 202 6.25 11.39 -19.67
C ILE A 202 7.40 12.36 -19.96
N VAL A 203 7.50 13.43 -19.19
CA VAL A 203 8.48 14.46 -19.49
C VAL A 203 9.70 14.28 -18.58
N ARG A 204 10.88 14.44 -19.15
CA ARG A 204 12.14 14.38 -18.45
C ARG A 204 13.03 15.50 -18.96
N ASN A 205 13.57 16.30 -18.05
CA ASN A 205 14.40 17.43 -18.43
C ASN A 205 15.61 17.47 -17.51
N SER A 206 16.67 18.14 -17.98
CA SER A 206 17.98 18.08 -17.32
C SER A 206 18.57 19.47 -17.17
N LEU A 207 18.97 19.80 -15.94
CA LEU A 207 19.63 21.06 -15.61
C LEU A 207 21.08 20.76 -15.26
N ILE A 208 22.00 21.24 -16.09
CA ILE A 208 23.43 21.06 -15.87
C ILE A 208 24.08 22.44 -15.88
N SER A 209 24.23 23.03 -14.69
CA SER A 209 24.94 24.31 -14.47
C SER A 209 24.34 25.46 -15.30
N GLY A 210 23.01 25.57 -15.28
CA GLY A 210 22.34 26.64 -15.99
C GLY A 210 22.04 26.39 -17.44
N GLU A 211 22.30 25.18 -17.94
CA GLU A 211 22.09 24.84 -19.34
C GLU A 211 21.15 23.64 -19.43
N TRP A 212 20.03 23.83 -20.11
CA TRP A 212 19.09 22.74 -20.34
C TRP A 212 19.37 22.07 -21.67
N GLY A 213 19.18 20.76 -21.72
CA GLY A 213 19.64 19.94 -22.81
C GLY A 213 18.57 19.54 -23.79
N ASN A 214 18.54 18.24 -24.07
CA ASN A 214 17.78 17.70 -25.20
C ASN A 214 16.27 17.72 -25.00
N GLU A 215 15.82 17.66 -23.73
CA GLU A 215 14.41 17.54 -23.33
C GLU A 215 13.81 16.29 -23.97
N GLU A 216 14.19 15.11 -23.47
CA GLU A 216 13.82 13.83 -24.06
C GLU A 216 12.35 13.57 -23.83
N ARG A 217 11.58 13.42 -24.92
CA ARG A 217 10.13 13.26 -24.87
C ARG A 217 9.65 12.18 -25.85
N GLU A 218 8.33 11.98 -25.88
CA GLU A 218 7.60 11.34 -26.97
C GLU A 218 7.99 9.91 -27.31
N GLY A 219 7.67 8.98 -26.41
CA GLY A 219 7.76 7.56 -26.69
C GLY A 219 6.37 6.96 -26.67
N LYS A 220 6.27 5.63 -26.73
CA LYS A 220 5.07 4.84 -27.04
C LYS A 220 3.78 5.30 -26.36
N ASN A 221 3.75 5.25 -25.02
CA ASN A 221 2.76 5.80 -24.08
C ASN A 221 1.29 5.82 -24.50
N PRO A 222 0.60 4.68 -24.69
CA PRO A 222 -0.87 4.75 -24.80
C PRO A 222 -1.59 4.63 -23.46
N LEU A 223 -0.90 4.71 -22.32
CA LEU A 223 -1.54 4.43 -21.05
C LEU A 223 -2.37 5.63 -20.59
N GLU A 224 -3.13 5.44 -19.51
CA GLU A 224 -4.22 6.33 -19.17
C GLU A 224 -4.07 6.81 -17.72
N LYS A 225 -4.57 8.02 -17.44
CA LYS A 225 -4.71 8.51 -16.07
C LYS A 225 -5.64 7.59 -15.29
N GLY A 226 -5.27 7.32 -14.04
CA GLY A 226 -5.92 6.31 -13.25
C GLY A 226 -5.12 5.05 -13.04
N ILE A 227 -3.82 5.09 -13.31
CA ILE A 227 -2.97 3.91 -13.36
C ILE A 227 -2.03 3.92 -12.17
N GLY A 228 -1.53 2.74 -11.82
CA GLY A 228 -0.23 2.67 -11.19
C GLY A 228 0.84 2.35 -12.21
N CYS A 229 1.67 3.34 -12.49
CA CYS A 229 2.53 3.31 -13.65
C CYS A 229 3.74 2.43 -13.35
N ASP A 230 4.22 1.75 -14.40
CA ASP A 230 5.44 0.96 -14.39
C ASP A 230 6.27 1.53 -15.51
N LEU A 231 7.28 2.31 -15.19
CA LEU A 231 8.00 3.05 -16.21
C LEU A 231 9.44 2.57 -16.24
N GLU A 232 9.80 1.91 -17.34
CA GLU A 232 10.89 0.95 -17.34
C GLU A 232 12.20 1.60 -17.76
N PHE A 233 13.15 1.61 -16.84
CA PHE A 233 14.44 2.25 -17.06
C PHE A 233 15.50 1.16 -16.96
N ARG A 234 15.96 0.69 -18.11
CA ARG A 234 16.99 -0.34 -18.19
C ARG A 234 18.34 0.34 -18.33
N ASN A 235 19.40 -0.38 -17.98
CA ASN A 235 20.71 -0.10 -18.56
C ASN A 235 21.30 -1.43 -19.02
N GLU A 236 21.43 -1.60 -20.32
CA GLU A 236 21.89 -2.84 -20.91
C GLU A 236 23.41 -2.86 -20.96
N GLU A 237 23.94 -3.92 -21.57
CA GLU A 237 25.38 -3.99 -21.83
C GLU A 237 25.76 -3.07 -22.98
N TYR A 238 24.79 -2.77 -23.86
CA TYR A 238 25.07 -2.02 -25.07
C TYR A 238 24.58 -0.58 -25.04
N ALA A 239 23.52 -0.28 -24.30
CA ALA A 239 22.96 1.07 -24.29
C ALA A 239 22.14 1.26 -23.02
N PHE A 240 21.84 2.52 -22.73
CA PHE A 240 20.99 2.87 -21.60
C PHE A 240 19.55 3.01 -22.10
N GLN A 241 18.71 2.05 -21.73
CA GLN A 241 17.44 1.83 -22.40
C GLN A 241 16.29 2.34 -21.52
N ILE A 242 15.47 3.22 -22.06
CA ILE A 242 14.31 3.74 -21.34
C ILE A 242 13.08 3.24 -22.08
N TYR A 243 12.23 2.49 -21.37
CA TYR A 243 11.05 1.87 -21.94
C TYR A 243 9.80 2.40 -21.25
N VAL A 244 8.76 2.66 -22.04
CA VAL A 244 7.43 2.90 -21.50
C VAL A 244 6.48 1.98 -22.25
N ASP A 245 5.71 1.19 -21.49
CA ASP A 245 4.77 0.18 -21.99
C ASP A 245 5.48 -0.88 -22.82
N GLY A 246 6.64 -1.30 -22.31
CA GLY A 246 7.35 -2.47 -22.79
C GLY A 246 8.11 -2.30 -24.10
N GLU A 247 7.89 -1.22 -24.83
CA GLU A 247 8.75 -0.84 -25.94
C GLU A 247 9.50 0.42 -25.54
N ARG A 248 10.57 0.71 -26.28
CA ARG A 248 11.55 1.71 -25.87
C ARG A 248 10.95 3.11 -25.96
N PHE A 249 10.93 3.81 -24.82
CA PHE A 249 10.55 5.22 -24.77
C PHE A 249 11.65 6.11 -25.32
N ALA A 250 12.86 5.98 -24.79
CA ALA A 250 13.99 6.80 -25.21
C ALA A 250 15.28 6.09 -24.84
N THR A 251 16.39 6.78 -25.07
CA THR A 251 17.73 6.34 -24.70
C THR A 251 18.37 7.39 -23.80
N TYR A 252 19.03 6.94 -22.73
CA TYR A 252 19.55 7.86 -21.72
C TYR A 252 21.01 8.17 -22.04
N ALA A 253 21.23 9.28 -22.74
CA ALA A 253 22.58 9.77 -22.94
C ALA A 253 23.04 10.56 -21.72
N HIS A 254 24.34 10.79 -21.62
CA HIS A 254 24.88 11.49 -20.46
C HIS A 254 24.60 12.98 -20.53
N ARG A 255 23.65 13.44 -19.72
CA ARG A 255 23.47 14.86 -19.45
C ARG A 255 23.80 15.22 -18.02
N LEU A 256 23.09 14.65 -17.06
CA LEU A 256 23.62 14.38 -15.74
C LEU A 256 23.82 12.87 -15.63
N ASP A 257 24.47 12.47 -14.56
CA ASP A 257 25.09 11.15 -14.51
C ASP A 257 24.04 10.05 -14.36
N PRO A 258 24.37 8.82 -14.78
CA PRO A 258 23.71 7.63 -14.22
C PRO A 258 24.19 7.33 -12.80
N HIS A 259 23.93 6.12 -12.31
CA HIS A 259 24.45 5.62 -11.03
C HIS A 259 23.92 6.43 -9.85
N ASP A 260 22.67 6.13 -9.46
CA ASP A 260 21.92 6.66 -8.31
C ASP A 260 21.38 8.07 -8.53
N ILE A 261 20.73 8.33 -9.67
CA ILE A 261 19.79 9.44 -9.74
C ILE A 261 18.45 8.97 -9.17
N ASN A 262 18.28 9.11 -7.86
CA ASN A 262 17.17 8.51 -7.15
C ASN A 262 16.51 9.44 -6.14
N GLY A 263 16.31 10.71 -6.50
CA GLY A 263 15.77 11.68 -5.57
C GLY A 263 14.28 11.90 -5.80
N LEU A 264 13.54 11.78 -4.70
CA LEU A 264 12.09 11.93 -4.77
C LEU A 264 11.69 13.25 -4.14
N GLN A 265 10.85 14.00 -4.85
CA GLN A 265 10.07 15.08 -4.28
C GLN A 265 8.62 14.81 -4.64
N ILE A 266 7.70 15.20 -3.75
CA ILE A 266 6.28 15.02 -4.00
C ILE A 266 5.59 16.36 -3.76
N GLY A 267 4.92 16.87 -4.80
CA GLY A 267 4.11 18.05 -4.68
C GLY A 267 2.78 17.78 -5.34
N GLY A 268 1.75 18.46 -4.84
CA GLY A 268 0.41 18.21 -5.33
C GLY A 268 -0.14 16.89 -4.84
N ASP A 269 -1.30 16.53 -5.40
CA ASP A 269 -1.98 15.29 -5.03
C ASP A 269 -1.48 14.16 -5.94
N VAL A 270 -0.56 13.38 -5.40
CA VAL A 270 -0.14 12.11 -5.99
C VAL A 270 0.01 11.08 -4.88
N GLU A 271 -0.91 10.13 -4.85
CA GLU A 271 -1.02 9.14 -3.81
C GLU A 271 -0.17 7.94 -4.22
N VAL A 272 1.10 7.95 -3.79
CA VAL A 272 2.21 7.30 -4.50
C VAL A 272 2.02 5.79 -4.49
N THR A 273 2.13 5.19 -5.67
CA THR A 273 1.96 3.75 -5.82
C THR A 273 3.29 3.01 -5.97
N GLY A 274 4.40 3.60 -5.58
CA GLY A 274 5.63 2.85 -5.49
C GLY A 274 6.89 3.60 -5.12
N ILE A 275 7.61 3.05 -4.15
CA ILE A 275 9.03 3.30 -3.94
C ILE A 275 9.65 1.92 -3.77
N GLN A 276 10.61 1.59 -4.63
CA GLN A 276 10.82 0.21 -4.99
C GLN A 276 12.29 -0.17 -4.86
N MET A 277 12.52 -1.43 -4.53
CA MET A 277 13.85 -2.01 -4.47
C MET A 277 14.28 -2.41 -5.88
N VAL A 278 15.47 -3.00 -5.99
CA VAL A 278 15.92 -3.55 -7.26
C VAL A 278 15.14 -4.82 -7.56
N VAL B 1 -10.43 -4.46 41.17
CA VAL B 1 -11.14 -4.11 42.39
C VAL B 1 -11.14 -2.60 42.60
N GLU B 2 -11.29 -2.19 43.87
CA GLU B 2 -11.32 -0.78 44.24
C GLU B 2 -9.92 -0.32 44.60
N TYR B 3 -9.50 0.79 44.00
CA TYR B 3 -8.19 1.38 44.26
C TYR B 3 -8.38 2.82 44.68
N ARG B 4 -7.38 3.37 45.36
CA ARG B 4 -7.37 4.77 45.73
C ARG B 4 -6.06 5.42 45.31
N ALA B 5 -6.10 6.74 45.21
CA ALA B 5 -4.93 7.54 44.92
C ALA B 5 -5.14 8.93 45.52
N GLU B 6 -4.15 9.79 45.33
CA GLU B 6 -4.26 11.18 45.73
C GLU B 6 -4.47 12.06 44.49
N VAL B 7 -4.44 13.37 44.70
CA VAL B 7 -4.64 14.31 43.60
C VAL B 7 -3.46 14.27 42.66
N GLY B 8 -3.72 13.88 41.41
CA GLY B 8 -2.70 13.80 40.39
C GLY B 8 -1.92 12.50 40.35
N GLN B 9 -2.18 11.57 41.26
CA GLN B 9 -1.42 10.33 41.35
C GLN B 9 -2.10 9.22 40.58
N ASN B 10 -1.57 8.02 40.72
CA ASN B 10 -1.90 6.90 39.84
C ASN B 10 -3.10 6.11 40.35
N ALA B 11 -4.17 6.12 39.57
CA ALA B 11 -5.31 5.25 39.78
C ALA B 11 -5.10 3.97 38.99
N TYR B 12 -6.06 3.04 39.12
CA TYR B 12 -6.07 1.82 38.35
C TYR B 12 -7.47 1.22 38.34
N LEU B 13 -7.88 0.71 37.19
CA LEU B 13 -9.12 -0.06 37.07
C LEU B 13 -8.82 -1.25 36.19
N PRO B 14 -8.51 -2.41 36.76
CA PRO B 14 -7.92 -3.51 35.97
C PRO B 14 -8.90 -4.18 35.02
N CYS B 15 -8.67 -3.96 33.72
CA CYS B 15 -9.45 -4.56 32.64
C CYS B 15 -8.67 -4.40 31.34
N PHE B 16 -8.50 -5.50 30.62
CA PHE B 16 -7.63 -5.55 29.44
C PHE B 16 -8.30 -6.37 28.34
N TYR B 17 -8.15 -5.91 27.10
CA TYR B 17 -8.51 -6.73 25.96
C TYR B 17 -7.30 -6.82 25.03
N THR B 18 -7.53 -7.44 23.87
CA THR B 18 -6.47 -7.61 22.88
C THR B 18 -6.64 -6.60 21.74
N PRO B 19 -5.57 -6.08 21.17
CA PRO B 19 -5.69 -5.27 19.96
C PRO B 19 -6.05 -6.14 18.76
N ALA B 20 -7.13 -5.76 18.08
CA ALA B 20 -7.64 -6.67 17.06
C ALA B 20 -7.07 -6.37 15.69
N ALA B 21 -7.45 -5.26 15.07
CA ALA B 21 -7.22 -5.10 13.64
C ALA B 21 -7.48 -3.64 13.26
N PRO B 22 -6.97 -3.20 12.10
CA PRO B 22 -7.40 -1.91 11.55
C PRO B 22 -8.76 -1.96 10.87
N GLY B 23 -9.46 -3.10 10.90
CA GLY B 23 -10.80 -3.21 10.34
C GLY B 23 -11.80 -3.94 11.22
N ASN B 24 -11.49 -4.10 12.52
CA ASN B 24 -12.39 -4.77 13.47
C ASN B 24 -12.40 -3.94 14.75
N LEU B 25 -12.62 -2.64 14.59
CA LEU B 25 -12.56 -1.67 15.67
C LEU B 25 -13.75 -1.87 16.62
N VAL B 26 -13.44 -1.95 17.91
CA VAL B 26 -14.40 -2.34 18.94
C VAL B 26 -14.21 -1.39 20.13
N PRO B 27 -15.27 -0.80 20.67
CA PRO B 27 -15.11 0.07 21.84
C PRO B 27 -15.13 -0.71 23.15
N VAL B 28 -15.17 0.03 24.25
CA VAL B 28 -15.09 -0.53 25.59
C VAL B 28 -16.13 0.18 26.47
N CYS B 29 -16.56 -0.48 27.54
CA CYS B 29 -17.34 0.17 28.58
C CYS B 29 -16.43 1.15 29.34
N TRP B 30 -16.83 2.45 29.38
CA TRP B 30 -16.20 3.53 30.17
C TRP B 30 -17.19 4.67 30.47
N GLY B 31 -17.30 5.05 31.77
CA GLY B 31 -18.52 5.63 32.32
C GLY B 31 -18.72 5.17 33.76
N LYS B 32 -20.00 4.88 34.14
CA LYS B 32 -20.33 4.36 35.50
C LYS B 32 -21.54 3.40 35.56
N GLY B 33 -21.33 2.12 35.90
CA GLY B 33 -22.48 1.27 36.25
C GLY B 33 -22.42 -0.18 35.72
N ALA B 34 -23.44 -0.56 34.91
CA ALA B 34 -23.41 -1.83 34.14
C ALA B 34 -23.81 -1.61 32.66
N CYS B 35 -22.81 -1.71 31.72
CA CYS B 35 -23.04 -1.49 30.26
C CYS B 35 -23.44 -2.83 29.65
N PRO B 36 -24.74 -3.10 29.48
CA PRO B 36 -25.19 -4.45 29.11
C PRO B 36 -24.81 -4.79 27.67
N VAL B 37 -25.47 -4.09 26.74
CA VAL B 37 -24.81 -3.82 25.46
C VAL B 37 -23.99 -2.54 25.56
N PHE B 38 -24.64 -1.38 25.74
CA PHE B 38 -23.97 -0.09 25.90
C PHE B 38 -24.85 0.88 26.68
N GLU B 39 -24.81 0.81 28.03
CA GLU B 39 -24.77 1.96 28.93
C GLU B 39 -24.52 1.51 30.37
N CYS B 40 -23.30 1.74 30.88
CA CYS B 40 -23.04 1.80 32.30
C CYS B 40 -22.97 3.31 32.50
N GLY B 41 -23.99 3.87 33.17
CA GLY B 41 -24.43 5.25 32.92
C GLY B 41 -23.40 6.36 33.10
N ASN B 42 -23.70 7.50 32.46
CA ASN B 42 -22.79 8.66 32.37
C ASN B 42 -21.47 8.27 31.72
N VAL B 43 -21.55 7.89 30.43
CA VAL B 43 -20.40 7.38 29.69
C VAL B 43 -19.37 8.49 29.48
N VAL B 44 -18.12 8.22 29.85
CA VAL B 44 -17.08 9.24 29.85
C VAL B 44 -16.00 9.00 28.79
N LEU B 45 -15.86 7.79 28.25
CA LEU B 45 -14.72 7.50 27.40
C LEU B 45 -15.06 6.31 26.50
N ARG B 46 -14.40 6.27 25.33
CA ARG B 46 -14.33 5.06 24.52
C ARG B 46 -12.91 4.93 23.99
N THR B 47 -12.48 3.69 23.73
CA THR B 47 -11.21 3.43 23.06
C THR B 47 -11.43 2.48 21.89
N ASP B 48 -10.34 2.04 21.29
CA ASP B 48 -10.39 1.24 20.07
C ASP B 48 -9.54 -0.02 20.19
N GLU B 49 -9.36 -0.74 19.09
CA GLU B 49 -8.53 -1.94 19.11
C GLU B 49 -7.12 -1.70 18.61
N ARG B 50 -6.94 -1.11 17.43
CA ARG B 50 -5.60 -0.97 16.86
C ARG B 50 -4.87 0.28 17.31
N ASP B 51 -5.57 1.30 17.83
CA ASP B 51 -4.96 2.44 18.48
C ASP B 51 -5.64 2.64 19.82
N VAL B 52 -5.37 3.78 20.43
CA VAL B 52 -6.15 4.25 21.57
C VAL B 52 -6.95 5.47 21.12
N ASN B 53 -8.26 5.32 21.06
CA ASN B 53 -9.13 6.29 20.38
C ASN B 53 -9.28 7.59 21.15
N TYR B 54 -9.71 7.54 22.41
CA TYR B 54 -9.97 8.75 23.18
C TYR B 54 -9.44 8.57 24.59
N TRP B 55 -8.50 9.42 24.98
CA TRP B 55 -7.98 9.47 26.34
C TRP B 55 -7.36 10.85 26.56
N THR B 56 -7.52 11.36 27.77
CA THR B 56 -7.16 12.75 28.09
C THR B 56 -6.12 12.78 29.20
N SER B 57 -5.88 14.00 29.71
CA SER B 57 -5.10 14.15 30.93
C SER B 57 -5.96 13.87 32.16
N ARG B 58 -7.27 14.13 32.07
CA ARG B 58 -8.21 13.81 33.12
C ARG B 58 -8.71 12.38 33.03
N TYR B 59 -8.61 11.75 31.85
CA TYR B 59 -8.85 10.32 31.68
C TYR B 59 -7.58 9.74 31.08
N TRP B 60 -6.67 9.28 31.94
CA TRP B 60 -5.27 9.13 31.56
C TRP B 60 -4.89 7.66 31.64
N LEU B 61 -3.87 7.30 30.85
CA LEU B 61 -3.38 5.94 30.75
C LEU B 61 -1.86 5.93 30.84
N ASN B 62 -1.34 5.33 31.92
CA ASN B 62 0.09 5.30 32.17
C ASN B 62 0.81 4.13 31.51
N GLY B 63 0.10 3.05 31.18
CA GLY B 63 0.72 1.86 30.66
C GLY B 63 0.94 1.89 29.16
N ASP B 64 0.84 0.72 28.55
CA ASP B 64 0.99 0.55 27.11
C ASP B 64 -0.40 0.61 26.49
N PHE B 65 -0.93 1.83 26.36
CA PHE B 65 -2.35 2.04 26.10
C PHE B 65 -2.76 1.68 24.69
N ARG B 66 -1.83 1.58 23.75
CA ARG B 66 -2.20 1.31 22.37
C ARG B 66 -2.48 -0.17 22.12
N LYS B 67 -1.98 -1.06 22.97
CA LYS B 67 -2.24 -2.48 22.83
C LYS B 67 -3.34 -2.97 23.77
N GLY B 68 -4.30 -2.12 24.12
CA GLY B 68 -5.45 -2.54 24.89
C GLY B 68 -5.40 -2.22 26.36
N ASP B 69 -4.41 -1.46 26.83
CA ASP B 69 -4.40 -0.99 28.21
C ASP B 69 -5.41 0.14 28.30
N VAL B 70 -6.64 -0.21 28.66
CA VAL B 70 -7.68 0.77 28.92
C VAL B 70 -7.91 0.91 30.44
N SER B 71 -7.06 0.26 31.23
CA SER B 71 -7.01 0.51 32.66
C SER B 71 -6.60 1.95 32.92
N LEU B 72 -7.60 2.78 33.22
CA LEU B 72 -7.41 4.22 33.25
C LEU B 72 -6.67 4.61 34.52
N THR B 73 -5.37 4.84 34.38
CA THR B 73 -4.56 5.42 35.44
C THR B 73 -4.87 6.91 35.45
N ILE B 74 -5.88 7.30 36.23
CA ILE B 74 -6.53 8.59 36.08
C ILE B 74 -5.66 9.64 36.76
N GLU B 75 -5.27 10.65 35.99
CA GLU B 75 -4.43 11.72 36.48
C GLU B 75 -5.29 12.96 36.77
N ASN B 76 -4.93 13.68 37.84
CA ASN B 76 -5.56 14.94 38.26
C ASN B 76 -7.06 14.75 38.54
N VAL B 77 -7.33 13.94 39.56
CA VAL B 77 -8.69 13.46 39.75
C VAL B 77 -9.43 14.37 40.72
N THR B 78 -10.71 14.60 40.42
CA THR B 78 -11.63 15.22 41.34
C THR B 78 -12.62 14.17 41.83
N LEU B 79 -13.39 14.52 42.87
CA LEU B 79 -14.42 13.61 43.35
C LEU B 79 -15.59 13.53 42.39
N ALA B 80 -15.77 14.55 41.54
CA ALA B 80 -16.75 14.48 40.47
C ALA B 80 -16.38 13.44 39.42
N ASP B 81 -15.09 13.15 39.28
CA ASP B 81 -14.65 12.01 38.47
C ASP B 81 -14.86 10.69 39.18
N SER B 82 -14.88 10.70 40.52
CA SER B 82 -14.88 9.45 41.28
C SER B 82 -16.26 8.79 41.27
N GLY B 83 -16.26 7.49 41.54
CA GLY B 83 -17.46 6.69 41.65
C GLY B 83 -17.22 5.30 41.10
N ILE B 84 -18.32 4.57 40.87
CA ILE B 84 -18.28 3.30 40.16
C ILE B 84 -17.90 3.61 38.72
N TYR B 85 -17.23 2.67 38.05
CA TYR B 85 -16.76 2.93 36.70
C TYR B 85 -17.17 1.82 35.74
N CYS B 86 -17.43 2.25 34.51
CA CYS B 86 -17.74 1.37 33.39
C CYS B 86 -16.42 0.79 32.87
N CYS B 87 -16.29 -0.54 32.91
CA CYS B 87 -15.27 -1.27 32.16
C CYS B 87 -15.76 -2.70 31.93
N ARG B 88 -15.72 -3.14 30.68
CA ARG B 88 -16.17 -4.46 30.27
C ARG B 88 -15.40 -4.79 29.00
N ILE B 89 -15.00 -6.05 28.85
CA ILE B 89 -14.18 -6.47 27.72
C ILE B 89 -15.09 -7.05 26.65
N GLN B 90 -15.15 -6.39 25.50
CA GLN B 90 -15.88 -6.87 24.33
C GLN B 90 -14.95 -7.72 23.46
N ILE B 91 -14.92 -9.00 23.79
CA ILE B 91 -14.15 -10.00 23.05
C ILE B 91 -14.75 -10.13 21.66
N PRO B 92 -13.93 -10.19 20.60
CA PRO B 92 -14.49 -10.46 19.26
C PRO B 92 -15.10 -11.85 19.20
N GLY B 93 -16.36 -11.90 18.77
CA GLY B 93 -17.20 -13.06 18.91
C GLY B 93 -18.54 -12.72 19.55
N ILE B 94 -19.41 -13.70 19.52
CA ILE B 94 -20.81 -13.51 19.91
C ILE B 94 -21.00 -13.92 21.36
N MET B 95 -21.58 -12.99 22.14
CA MET B 95 -22.07 -13.24 23.51
C MET B 95 -20.95 -13.68 24.46
N ASN B 96 -19.90 -12.86 24.56
CA ASN B 96 -18.77 -13.19 25.42
C ASN B 96 -18.29 -12.00 26.25
N ASP B 97 -19.18 -11.09 26.63
CA ASP B 97 -18.80 -9.90 27.38
C ASP B 97 -18.75 -10.19 28.88
N GLU B 98 -17.70 -9.69 29.53
CA GLU B 98 -17.57 -9.77 30.98
C GLU B 98 -17.74 -8.39 31.61
N LYS B 99 -18.87 -8.18 32.29
CA LYS B 99 -19.21 -6.88 32.86
C LYS B 99 -18.58 -6.75 34.23
N PHE B 100 -17.67 -5.78 34.37
CA PHE B 100 -17.06 -5.44 35.65
C PHE B 100 -17.75 -4.21 36.20
N ASN B 101 -18.39 -4.35 37.35
CA ASN B 101 -18.92 -3.22 38.09
C ASN B 101 -17.95 -2.91 39.22
N LEU B 102 -17.02 -1.99 38.96
CA LEU B 102 -15.87 -1.76 39.82
C LEU B 102 -15.81 -0.28 40.17
N LYS B 103 -15.68 0.02 41.46
CA LYS B 103 -15.64 1.39 41.96
C LYS B 103 -14.20 1.85 42.07
N LEU B 104 -13.86 2.91 41.34
CA LEU B 104 -12.56 3.56 41.47
C LEU B 104 -12.77 5.00 41.90
N VAL B 105 -12.45 5.28 43.16
CA VAL B 105 -12.66 6.59 43.77
C VAL B 105 -11.30 7.15 44.16
N ILE B 106 -11.06 8.41 43.78
CA ILE B 106 -9.83 9.12 44.11
C ILE B 106 -10.22 10.46 44.70
N LYS B 107 -9.55 10.86 45.78
CA LYS B 107 -9.84 12.09 46.50
C LYS B 107 -9.66 13.34 45.65
#